data_5MTE
#
_entry.id   5MTE
#
_cell.length_a   64.620
_cell.length_b   64.620
_cell.length_c   124.890
_cell.angle_alpha   90.00
_cell.angle_beta   90.00
_cell.angle_gamma   120.00
#
_symmetry.space_group_name_H-M   'P 32 2 1'
#
loop_
_entity.id
_entity.type
_entity.pdbx_description
1 polymer 'Putative uncharacterized protein orf60T'
2 non-polymer ACTINONIN
3 non-polymer 'ZINC ION'
4 non-polymer 'NICKEL (II) ION'
5 water water
#
_entity_poly.entity_id   1
_entity_poly.type   'polypeptide(L)'
_entity_poly.pdbx_seq_one_letter_code
;MKILKDDAPELHAIAAEVPHGEDVKDLVLDMTAAMTAAGGIGLAGNQVGVLKRIIVLRCPTFKGCVINPIITRHTDGHVY
SPEGCLSYPGKTVAKKRRNKVVVEGYDMDWQPITIAAKGLTAFCLQHEIDHLNGVTI
;
_entity_poly.pdbx_strand_id   A,B
#
# COMPACT_ATOMS: atom_id res chain seq x y z
N MET A 1 -1.91 7.73 8.53
CA MET A 1 -3.23 8.15 7.97
C MET A 1 -4.26 7.03 8.07
N LYS A 2 -5.51 7.36 7.76
CA LYS A 2 -6.58 6.38 7.80
C LYS A 2 -7.46 6.63 6.60
N ILE A 3 -7.97 5.54 6.03
CA ILE A 3 -8.95 5.68 4.97
C ILE A 3 -10.28 5.97 5.64
N LEU A 4 -10.85 7.13 5.28
CA LEU A 4 -12.05 7.63 5.94
C LEU A 4 -13.23 6.68 5.74
N LYS A 5 -14.17 6.71 6.70
CA LYS A 5 -15.40 5.93 6.61
C LYS A 5 -16.22 6.36 5.40
N ASP A 6 -17.05 5.45 4.91
CA ASP A 6 -17.85 5.69 3.69
C ASP A 6 -18.84 6.86 3.78
N ASP A 7 -19.16 7.28 5.00
CA ASP A 7 -20.08 8.40 5.24
C ASP A 7 -19.36 9.74 5.50
N ALA A 8 -18.06 9.78 5.22
CA ALA A 8 -17.27 10.99 5.46
C ALA A 8 -17.60 12.09 4.44
N PRO A 9 -17.82 13.34 4.91
CA PRO A 9 -18.11 14.45 4.00
C PRO A 9 -17.00 14.74 3.01
N GLU A 10 -15.76 14.49 3.42
CA GLU A 10 -14.59 14.77 2.58
C GLU A 10 -14.67 14.05 1.24
N LEU A 11 -15.36 12.91 1.22
CA LEU A 11 -15.49 12.12 0.00
C LEU A 11 -16.33 12.80 -1.07
N HIS A 12 -17.17 13.74 -0.65
CA HIS A 12 -18.00 14.50 -1.58
C HIS A 12 -17.53 15.94 -1.80
N ALA A 13 -16.55 16.35 -1.01
CA ALA A 13 -16.00 17.70 -1.08
C ALA A 13 -15.02 17.85 -2.24
N ILE A 14 -14.81 19.10 -2.67
CA ILE A 14 -13.83 19.40 -3.72
C ILE A 14 -12.47 19.71 -3.07
N ALA A 15 -11.44 19.00 -3.53
CA ALA A 15 -10.09 19.23 -3.06
C ALA A 15 -9.51 20.50 -3.66
N ALA A 16 -8.72 21.23 -2.86
CA ALA A 16 -8.17 22.51 -3.28
C ALA A 16 -6.85 22.32 -4.01
N GLU A 17 -6.66 23.12 -5.06
CA GLU A 17 -5.38 23.25 -5.74
C GLU A 17 -4.23 23.42 -4.76
N VAL A 18 -3.15 22.68 -4.97
CA VAL A 18 -1.96 22.87 -4.16
C VAL A 18 -1.18 24.08 -4.68
N PRO A 19 -0.91 25.08 -3.80
CA PRO A 19 -0.13 26.25 -4.21
C PRO A 19 1.22 25.82 -4.79
N HIS A 20 1.62 26.44 -5.88
CA HIS A 20 2.82 26.00 -6.57
C HIS A 20 4.03 26.07 -5.65
N GLY A 21 4.75 24.95 -5.57
CA GLY A 21 5.98 24.90 -4.78
C GLY A 21 5.81 24.43 -3.34
N GLU A 22 4.57 24.25 -2.89
CA GLU A 22 4.32 23.78 -1.53
C GLU A 22 4.97 22.43 -1.29
N ASP A 23 5.58 22.27 -0.13
CA ASP A 23 6.23 21.02 0.25
C ASP A 23 5.17 19.98 0.59
N VAL A 24 5.03 19.00 -0.29
CA VAL A 24 4.05 17.92 -0.13
C VAL A 24 4.72 16.55 0.04
N LYS A 25 6.03 16.53 0.25
CA LYS A 25 6.77 15.26 0.26
C LYS A 25 6.29 14.26 1.32
N ASP A 26 6.14 14.73 2.57
CA ASP A 26 5.65 13.87 3.64
C ASP A 26 4.20 13.42 3.43
N LEU A 27 3.37 14.32 2.92
CA LEU A 27 1.99 13.99 2.61
C LEU A 27 1.92 12.86 1.59
N VAL A 28 2.71 12.95 0.52
CA VAL A 28 2.74 11.91 -0.52
C VAL A 28 3.27 10.57 0.02
N LEU A 29 4.29 10.63 0.88
CA LEU A 29 4.78 9.42 1.55
C LEU A 29 3.67 8.76 2.35
N ASP A 30 2.97 9.56 3.16
CA ASP A 30 1.88 9.05 4.01
C ASP A 30 0.74 8.48 3.15
N MET A 31 0.42 9.17 2.04
CA MET A 31 -0.67 8.70 1.19
C MET A 31 -0.33 7.38 0.50
N THR A 32 0.92 7.28 0.06
CA THR A 32 1.39 6.06 -0.57
C THR A 32 1.31 4.90 0.43
N ALA A 33 1.74 5.16 1.66
CA ALA A 33 1.67 4.15 2.73
C ALA A 33 0.23 3.74 3.02
N ALA A 34 -0.70 4.69 3.01
CA ALA A 34 -2.12 4.36 3.24
C ALA A 34 -2.67 3.52 2.10
N MET A 35 -2.27 3.87 0.88
CA MET A 35 -2.74 3.16 -0.30
C MET A 35 -2.29 1.70 -0.29
N THR A 36 -1.01 1.46 -0.04
CA THR A 36 -0.53 0.09 -0.05
C THR A 36 -1.06 -0.70 1.15
N ALA A 37 -1.19 -0.04 2.31
CA ALA A 37 -1.71 -0.73 3.50
C ALA A 37 -3.13 -1.24 3.28
N ALA A 38 -3.92 -0.49 2.51
CA ALA A 38 -5.31 -0.84 2.22
C ALA A 38 -5.47 -1.72 0.97
N GLY A 39 -4.37 -1.99 0.29
CA GLY A 39 -4.38 -2.87 -0.89
C GLY A 39 -4.90 -2.22 -2.15
N GLY A 40 -4.71 -0.92 -2.29
CA GLY A 40 -5.20 -0.22 -3.47
C GLY A 40 -4.14 0.01 -4.52
N ILE A 41 -4.59 0.36 -5.73
CA ILE A 41 -3.66 0.74 -6.82
C ILE A 41 -3.68 2.24 -7.11
N GLY A 42 -4.49 2.97 -6.34
CA GLY A 42 -4.51 4.43 -6.40
C GLY A 42 -5.12 4.97 -5.13
N LEU A 43 -4.90 6.26 -4.88
CA LEU A 43 -5.52 6.94 -3.75
C LEU A 43 -5.52 8.43 -4.03
N ALA A 44 -6.54 9.11 -3.51
CA ALA A 44 -6.69 10.55 -3.66
C ALA A 44 -6.75 11.21 -2.29
N GLY A 45 -6.33 12.47 -2.21
CA GLY A 45 -6.32 13.18 -0.94
C GLY A 45 -7.60 13.05 -0.16
N ASN A 46 -8.74 13.23 -0.83
CA ASN A 46 -10.02 13.21 -0.11
C ASN A 46 -10.17 11.97 0.75
N GLN A 47 -9.64 10.84 0.27
CA GLN A 47 -9.89 9.54 0.93
C GLN A 47 -9.23 9.40 2.28
N VAL A 48 -8.21 10.23 2.51
CA VAL A 48 -7.50 10.23 3.80
C VAL A 48 -7.74 11.54 4.55
N GLY A 49 -8.75 12.29 4.11
CA GLY A 49 -9.16 13.54 4.76
C GLY A 49 -8.31 14.74 4.42
N VAL A 50 -7.51 14.63 3.36
CA VAL A 50 -6.67 15.73 2.88
C VAL A 50 -7.31 16.36 1.64
N LEU A 51 -7.91 17.54 1.82
CA LEU A 51 -8.62 18.21 0.75
C LEU A 51 -7.66 19.04 -0.11
N LYS A 52 -6.68 18.35 -0.67
CA LYS A 52 -5.67 18.93 -1.57
C LYS A 52 -5.61 18.05 -2.80
N ARG A 53 -5.31 18.66 -3.95
CA ARG A 53 -5.37 17.94 -5.23
C ARG A 53 -4.10 17.16 -5.48
N ILE A 54 -4.04 16.01 -4.82
CA ILE A 54 -2.90 15.11 -4.86
C ILE A 54 -3.42 13.69 -5.05
N ILE A 55 -2.84 12.96 -5.99
CA ILE A 55 -3.17 11.56 -6.15
C ILE A 55 -1.89 10.74 -6.15
N VAL A 56 -1.99 9.48 -5.74
CA VAL A 56 -0.88 8.53 -5.83
C VAL A 56 -1.36 7.27 -6.54
N LEU A 57 -0.47 6.61 -7.29
CA LEU A 57 -0.87 5.48 -8.11
C LEU A 57 0.18 4.41 -8.10
N ARG A 58 -0.27 3.17 -8.25
CA ARG A 58 0.64 2.06 -8.52
C ARG A 58 -0.02 1.19 -9.58
N CYS A 59 -0.12 1.74 -10.78
CA CYS A 59 -0.82 1.10 -11.89
C CYS A 59 0.14 0.54 -12.92
N PRO A 60 -0.35 -0.32 -13.84
CA PRO A 60 0.54 -0.97 -14.81
C PRO A 60 1.50 -0.05 -15.57
N THR A 61 1.08 1.16 -15.94
CA THR A 61 1.99 2.02 -16.72
C THR A 61 2.35 3.33 -16.02
N PHE A 62 1.88 3.49 -14.79
CA PHE A 62 2.32 4.63 -13.97
C PHE A 62 2.32 4.35 -12.48
N LYS A 63 3.47 4.57 -11.86
CA LYS A 63 3.62 4.46 -10.41
C LYS A 63 4.24 5.75 -9.88
N GLY A 64 3.56 6.40 -8.95
CA GLY A 64 4.05 7.63 -8.37
C GLY A 64 2.92 8.58 -8.07
N CYS A 65 3.25 9.86 -7.88
CA CYS A 65 2.28 10.86 -7.50
C CYS A 65 1.99 11.82 -8.64
N VAL A 66 0.83 12.47 -8.57
CA VAL A 66 0.55 13.63 -9.42
C VAL A 66 -0.03 14.74 -8.56
N ILE A 67 0.60 15.91 -8.60
CA ILE A 67 0.09 17.08 -7.88
C ILE A 67 -0.68 17.92 -8.88
N ASN A 68 -1.86 18.39 -8.49
CA ASN A 68 -2.75 19.15 -9.36
C ASN A 68 -3.02 18.47 -10.71
N PRO A 69 -3.43 17.19 -10.68
CA PRO A 69 -3.66 16.49 -11.94
C PRO A 69 -4.84 17.05 -12.71
N ILE A 70 -4.67 17.13 -14.02
CA ILE A 70 -5.73 17.55 -14.93
C ILE A 70 -5.71 16.66 -16.17
N ILE A 71 -6.89 16.32 -16.68
CA ILE A 71 -7.02 15.57 -17.92
C ILE A 71 -7.04 16.56 -19.07
N THR A 72 -6.03 16.48 -19.94
CA THR A 72 -5.89 17.45 -21.02
C THR A 72 -6.34 16.91 -22.37
N ARG A 73 -6.43 15.59 -22.48
CA ARG A 73 -6.88 14.93 -23.72
C ARG A 73 -7.50 13.60 -23.35
N HIS A 74 -8.54 13.19 -24.08
CA HIS A 74 -9.13 11.87 -23.90
C HIS A 74 -9.78 11.40 -25.21
N THR A 75 -9.97 10.10 -25.32
CA THR A 75 -10.70 9.52 -26.44
C THR A 75 -12.20 9.81 -26.32
N ASP A 76 -12.88 9.81 -27.46
CA ASP A 76 -14.33 9.93 -27.52
C ASP A 76 -14.97 8.61 -27.11
N GLY A 77 -16.24 8.67 -26.70
CA GLY A 77 -16.97 7.49 -26.26
C GLY A 77 -16.44 6.93 -24.95
N HIS A 78 -17.00 5.80 -24.54
CA HIS A 78 -16.64 5.18 -23.28
C HIS A 78 -16.48 3.66 -23.40
N VAL A 79 -15.72 3.10 -22.47
CA VAL A 79 -15.56 1.65 -22.35
C VAL A 79 -15.91 1.19 -20.92
N TYR A 80 -16.07 -0.12 -20.77
CA TYR A 80 -16.41 -0.77 -19.51
C TYR A 80 -15.22 -0.84 -18.56
N SER A 81 -15.41 -0.37 -17.33
CA SER A 81 -14.37 -0.49 -16.32
C SER A 81 -14.97 -0.94 -14.98
N PRO A 82 -14.78 -2.22 -14.60
CA PRO A 82 -15.31 -2.66 -13.29
C PRO A 82 -14.40 -2.16 -12.17
N GLU A 83 -14.97 -1.43 -11.20
CA GLU A 83 -14.15 -0.77 -10.20
C GLU A 83 -14.69 -0.97 -8.80
N GLY A 84 -13.80 -1.24 -7.86
CA GLY A 84 -14.09 -1.09 -6.46
C GLY A 84 -13.34 0.13 -5.97
N CYS A 85 -13.68 0.57 -4.75
CA CYS A 85 -13.08 1.74 -4.17
C CYS A 85 -12.74 1.45 -2.73
N LEU A 86 -11.55 1.87 -2.29
CA LEU A 86 -11.13 1.62 -0.91
C LEU A 86 -12.02 2.32 0.11
N SER A 87 -12.72 3.37 -0.32
CA SER A 87 -13.62 4.10 0.58
C SER A 87 -14.97 3.39 0.73
N TYR A 88 -15.27 2.46 -0.17
CA TYR A 88 -16.56 1.75 -0.15
C TYR A 88 -16.32 0.26 -0.30
N PRO A 89 -15.60 -0.33 0.68
CA PRO A 89 -15.27 -1.74 0.52
C PRO A 89 -16.51 -2.61 0.35
N GLY A 90 -16.40 -3.60 -0.53
CA GLY A 90 -17.48 -4.57 -0.77
C GLY A 90 -18.24 -4.34 -2.08
N LYS A 91 -18.13 -3.14 -2.63
CA LYS A 91 -18.93 -2.70 -3.77
C LYS A 91 -18.06 -2.77 -5.03
N THR A 92 -18.55 -3.38 -6.10
CA THR A 92 -17.92 -3.23 -7.42
C THR A 92 -18.95 -2.65 -8.38
N VAL A 93 -18.56 -1.61 -9.10
CA VAL A 93 -19.46 -0.91 -10.01
C VAL A 93 -18.94 -1.00 -11.44
N ALA A 94 -19.81 -1.31 -12.38
CA ALA A 94 -19.46 -1.26 -13.80
C ALA A 94 -19.48 0.19 -14.27
N LYS A 95 -18.30 0.81 -14.35
CA LYS A 95 -18.19 2.22 -14.70
C LYS A 95 -17.97 2.42 -16.20
N LYS A 96 -18.41 3.57 -16.71
CA LYS A 96 -18.01 4.01 -18.04
C LYS A 96 -16.80 4.93 -17.90
N ARG A 97 -15.75 4.64 -18.66
CA ARG A 97 -14.51 5.41 -18.59
C ARG A 97 -14.03 5.70 -19.99
N ARG A 98 -13.22 6.74 -20.15
CA ARG A 98 -12.50 6.96 -21.39
C ARG A 98 -11.41 5.92 -21.47
N ASN A 99 -11.23 5.32 -22.65
CA ASN A 99 -10.23 4.29 -22.82
C ASN A 99 -8.80 4.84 -22.75
N LYS A 100 -8.61 6.07 -23.22
CA LYS A 100 -7.29 6.70 -23.18
C LYS A 100 -7.40 8.13 -22.67
N VAL A 101 -6.43 8.52 -21.84
CA VAL A 101 -6.35 9.90 -21.33
C VAL A 101 -4.90 10.34 -21.30
N VAL A 102 -4.70 11.66 -21.37
CA VAL A 102 -3.44 12.27 -20.99
C VAL A 102 -3.72 13.12 -19.75
N VAL A 103 -2.93 12.87 -18.71
CA VAL A 103 -3.01 13.65 -17.47
C VAL A 103 -1.74 14.45 -17.31
N GLU A 104 -1.88 15.72 -16.94
CA GLU A 104 -0.74 16.58 -16.68
C GLU A 104 -0.79 17.12 -15.27
N GLY A 105 0.39 17.43 -14.73
CA GLY A 105 0.48 17.97 -13.38
C GLY A 105 1.94 18.09 -13.02
N TYR A 106 2.24 17.93 -11.74
CA TYR A 106 3.58 18.10 -11.20
C TYR A 106 3.97 16.92 -10.34
N ASP A 107 5.27 16.63 -10.28
CA ASP A 107 5.76 15.60 -9.37
C ASP A 107 6.11 16.23 -8.02
N MET A 108 6.64 15.44 -7.10
CA MET A 108 6.93 15.89 -5.74
C MET A 108 7.97 17.01 -5.68
N ASP A 109 8.77 17.13 -6.74
CA ASP A 109 9.78 18.16 -6.85
C ASP A 109 9.32 19.32 -7.72
N TRP A 110 8.02 19.37 -8.01
CA TRP A 110 7.42 20.43 -8.82
C TRP A 110 7.95 20.52 -10.26
N GLN A 111 8.39 19.38 -10.78
CA GLN A 111 8.68 19.25 -12.19
C GLN A 111 7.38 18.90 -12.92
N PRO A 112 7.14 19.54 -14.07
CA PRO A 112 5.91 19.22 -14.81
C PRO A 112 5.96 17.80 -15.36
N ILE A 113 4.83 17.08 -15.23
CA ILE A 113 4.75 15.72 -15.76
C ILE A 113 3.54 15.53 -16.67
N THR A 114 3.67 14.58 -17.60
CA THR A 114 2.61 14.22 -18.52
C THR A 114 2.54 12.70 -18.50
N ILE A 115 1.32 12.18 -18.39
CA ILE A 115 1.09 10.74 -18.38
C ILE A 115 0.10 10.39 -19.47
N ALA A 116 0.55 9.64 -20.46
CA ALA A 116 -0.36 9.09 -21.47
C ALA A 116 -0.71 7.68 -21.06
N ALA A 117 -2.00 7.44 -20.83
CA ALA A 117 -2.46 6.17 -20.30
C ALA A 117 -3.63 5.60 -21.08
N LYS A 118 -3.72 4.26 -21.07
CA LYS A 118 -4.80 3.52 -21.70
C LYS A 118 -5.24 2.41 -20.76
N GLY A 119 -6.46 1.90 -20.96
CA GLY A 119 -6.94 0.79 -20.15
C GLY A 119 -6.91 1.06 -18.66
N LEU A 120 -6.51 0.04 -17.89
CA LEU A 120 -6.55 0.11 -16.44
C LEU A 120 -5.91 1.38 -15.87
N THR A 121 -4.71 1.72 -16.35
CA THR A 121 -4.03 2.92 -15.84
C THR A 121 -4.84 4.19 -16.12
N ALA A 122 -5.47 4.26 -17.29
CA ALA A 122 -6.35 5.39 -17.61
C ALA A 122 -7.55 5.40 -16.67
N PHE A 123 -8.11 4.21 -16.40
CA PHE A 123 -9.26 4.09 -15.51
C PHE A 123 -8.88 4.58 -14.11
N CYS A 124 -7.71 4.15 -13.63
CA CYS A 124 -7.25 4.58 -12.30
C CYS A 124 -7.14 6.10 -12.20
N LEU A 125 -6.47 6.71 -13.19
CA LEU A 125 -6.35 8.17 -13.20
C LEU A 125 -7.70 8.86 -13.13
N GLN A 126 -8.67 8.37 -13.90
CA GLN A 126 -10.00 8.98 -13.89
C GLN A 126 -10.68 8.78 -12.54
N HIS A 127 -10.51 7.60 -11.97
CA HIS A 127 -11.09 7.27 -10.65
C HIS A 127 -10.56 8.23 -9.58
N GLU A 128 -9.23 8.45 -9.59
CA GLU A 128 -8.61 9.29 -8.55
C GLU A 128 -8.94 10.78 -8.75
N ILE A 129 -8.93 11.24 -9.99
CA ILE A 129 -9.27 12.63 -10.25
C ILE A 129 -10.74 12.88 -9.87
N ASP A 130 -11.61 11.91 -10.16
CA ASP A 130 -13.00 12.01 -9.72
C ASP A 130 -13.06 12.27 -8.21
N HIS A 131 -12.29 11.51 -7.43
CA HIS A 131 -12.30 11.70 -5.98
C HIS A 131 -12.03 13.15 -5.61
N LEU A 132 -11.11 13.79 -6.32
CA LEU A 132 -10.71 15.16 -6.01
C LEU A 132 -11.86 16.14 -6.23
N ASN A 133 -12.82 15.73 -7.06
CA ASN A 133 -14.00 16.55 -7.34
C ASN A 133 -15.21 16.12 -6.48
N GLY A 134 -14.98 15.18 -5.57
CA GLY A 134 -16.05 14.66 -4.72
C GLY A 134 -16.95 13.69 -5.44
N VAL A 135 -16.43 13.07 -6.49
CA VAL A 135 -17.20 12.16 -7.32
C VAL A 135 -16.72 10.75 -7.01
N THR A 136 -17.64 9.86 -6.65
CA THR A 136 -17.30 8.50 -6.22
C THR A 136 -18.13 7.47 -7.01
N ILE A 137 -17.66 6.21 -7.02
CA ILE A 137 -18.31 5.16 -7.83
C ILE A 137 -19.72 4.81 -7.34
N MET B 1 12.15 -24.93 2.26
CA MET B 1 11.30 -24.04 1.43
C MET B 1 12.11 -22.85 0.93
N LYS B 2 12.07 -22.65 -0.40
CA LYS B 2 12.86 -21.63 -1.10
C LYS B 2 12.34 -20.19 -0.87
N ILE B 3 13.26 -19.24 -0.76
CA ILE B 3 12.89 -17.82 -0.67
C ILE B 3 12.93 -17.21 -2.07
N LEU B 4 11.81 -16.59 -2.48
CA LEU B 4 11.72 -15.93 -3.76
C LEU B 4 12.52 -14.63 -3.79
N LYS B 5 13.03 -14.29 -4.96
CA LYS B 5 13.99 -13.22 -5.10
C LYS B 5 13.71 -12.29 -6.27
N ASP B 6 14.27 -11.09 -6.17
CA ASP B 6 14.16 -10.02 -7.18
C ASP B 6 12.88 -9.89 -8.00
N ASP B 7 12.83 -10.54 -9.17
CA ASP B 7 11.69 -10.31 -10.07
C ASP B 7 10.47 -11.19 -9.82
N ALA B 8 10.57 -12.11 -8.85
CA ALA B 8 9.49 -13.07 -8.64
C ALA B 8 8.17 -12.33 -8.48
N PRO B 9 7.16 -12.69 -9.30
CA PRO B 9 5.89 -11.95 -9.32
C PRO B 9 5.18 -11.91 -7.98
N GLU B 10 5.32 -12.98 -7.19
CA GLU B 10 4.66 -13.04 -5.86
C GLU B 10 5.08 -11.89 -4.95
N LEU B 11 6.30 -11.39 -5.14
CA LEU B 11 6.82 -10.32 -4.28
C LEU B 11 6.11 -8.98 -4.46
N HIS B 12 5.46 -8.80 -5.60
CA HIS B 12 4.71 -7.57 -5.86
C HIS B 12 3.21 -7.80 -5.96
N ALA B 13 2.77 -8.98 -5.52
CA ALA B 13 1.34 -9.28 -5.46
C ALA B 13 0.85 -9.05 -4.04
N ILE B 14 -0.45 -8.82 -3.91
CA ILE B 14 -1.08 -8.65 -2.60
C ILE B 14 -1.52 -10.01 -2.04
N ALA B 15 -1.09 -10.32 -0.83
CA ALA B 15 -1.48 -11.58 -0.18
C ALA B 15 -2.92 -11.52 0.31
N ALA B 16 -3.59 -12.67 0.28
CA ALA B 16 -4.98 -12.76 0.69
C ALA B 16 -5.11 -13.08 2.17
N GLU B 17 -6.15 -12.53 2.77
CA GLU B 17 -6.50 -12.81 4.15
C GLU B 17 -6.64 -14.30 4.39
N VAL B 18 -6.05 -14.79 5.49
CA VAL B 18 -6.23 -16.18 5.88
C VAL B 18 -7.65 -16.39 6.42
N PRO B 19 -8.40 -17.34 5.84
CA PRO B 19 -9.74 -17.61 6.35
C PRO B 19 -9.68 -17.93 7.84
N HIS B 20 -10.66 -17.40 8.58
CA HIS B 20 -10.61 -17.51 10.04
C HIS B 20 -10.58 -18.95 10.49
N GLY B 21 -9.66 -19.27 11.38
CA GLY B 21 -9.53 -20.61 11.94
C GLY B 21 -8.73 -21.60 11.12
N GLU B 22 -8.26 -21.19 9.94
CA GLU B 22 -7.53 -22.12 9.08
C GLU B 22 -6.24 -22.56 9.75
N ASP B 23 -5.92 -23.84 9.56
CA ASP B 23 -4.71 -24.44 10.09
C ASP B 23 -3.47 -23.93 9.32
N VAL B 24 -2.66 -23.11 9.99
CA VAL B 24 -1.47 -22.47 9.43
C VAL B 24 -0.16 -22.99 10.04
N LYS B 25 -0.26 -23.89 11.01
CA LYS B 25 0.88 -24.26 11.86
C LYS B 25 2.09 -24.75 11.08
N ASP B 26 1.85 -25.64 10.12
CA ASP B 26 2.93 -26.20 9.31
C ASP B 26 3.61 -25.12 8.45
N LEU B 27 2.82 -24.27 7.81
CA LEU B 27 3.38 -23.17 6.99
C LEU B 27 4.22 -22.23 7.85
N VAL B 28 3.76 -21.96 9.07
CA VAL B 28 4.50 -21.10 10.00
C VAL B 28 5.84 -21.75 10.37
N LEU B 29 5.84 -23.07 10.58
CA LEU B 29 7.08 -23.81 10.78
C LEU B 29 8.02 -23.67 9.59
N ASP B 30 7.51 -23.90 8.39
CA ASP B 30 8.32 -23.78 7.18
C ASP B 30 8.95 -22.39 7.05
N MET B 31 8.14 -21.36 7.29
CA MET B 31 8.61 -19.98 7.17
C MET B 31 9.66 -19.66 8.25
N THR B 32 9.44 -20.18 9.45
CA THR B 32 10.40 -20.02 10.54
C THR B 32 11.75 -20.65 10.15
N ALA B 33 11.71 -21.87 9.61
CA ALA B 33 12.91 -22.55 9.13
C ALA B 33 13.61 -21.77 8.01
N ALA B 34 12.84 -21.30 7.02
CA ALA B 34 13.44 -20.62 5.87
C ALA B 34 14.10 -19.31 6.31
N MET B 35 13.39 -18.55 7.15
CA MET B 35 13.91 -17.32 7.72
C MET B 35 15.22 -17.55 8.47
N THR B 36 15.24 -18.59 9.30
CA THR B 36 16.42 -18.87 10.11
C THR B 36 17.61 -19.33 9.24
N ALA B 37 17.34 -20.23 8.28
CA ALA B 37 18.40 -20.74 7.41
C ALA B 37 19.08 -19.64 6.59
N ALA B 38 18.31 -18.62 6.23
CA ALA B 38 18.81 -17.51 5.43
C ALA B 38 19.39 -16.38 6.29
N GLY B 39 19.26 -16.49 7.61
CA GLY B 39 19.78 -15.48 8.55
C GLY B 39 18.96 -14.21 8.70
N GLY B 40 17.65 -14.31 8.50
CA GLY B 40 16.76 -13.15 8.64
C GLY B 40 16.06 -13.05 9.99
N ILE B 41 15.47 -11.89 10.26
CA ILE B 41 14.72 -11.69 11.52
C ILE B 41 13.22 -11.55 11.29
N GLY B 42 12.79 -11.70 10.04
CA GLY B 42 11.36 -11.72 9.71
C GLY B 42 11.16 -12.39 8.37
N LEU B 43 9.92 -12.77 8.06
CA LEU B 43 9.59 -13.31 6.75
C LEU B 43 8.09 -13.18 6.54
N ALA B 44 7.69 -13.05 5.27
CA ALA B 44 6.29 -12.90 4.91
C ALA B 44 5.90 -13.97 3.90
N GLY B 45 4.61 -14.30 3.86
CA GLY B 45 4.12 -15.40 3.00
C GLY B 45 4.57 -15.25 1.55
N ASN B 46 4.51 -14.02 1.02
CA ASN B 46 4.89 -13.80 -0.38
C ASN B 46 6.28 -14.33 -0.69
N GLN B 47 7.17 -14.27 0.29
CA GLN B 47 8.58 -14.57 0.06
C GLN B 47 8.82 -16.05 -0.10
N VAL B 48 7.85 -16.87 0.30
CA VAL B 48 7.97 -18.30 0.06
C VAL B 48 6.96 -18.76 -0.97
N GLY B 49 6.34 -17.80 -1.66
CA GLY B 49 5.40 -18.08 -2.73
C GLY B 49 3.99 -18.44 -2.31
N VAL B 50 3.64 -18.05 -1.08
CA VAL B 50 2.34 -18.33 -0.52
C VAL B 50 1.66 -16.99 -0.23
N LEU B 51 0.69 -16.65 -1.08
CA LEU B 51 0.02 -15.36 -1.01
C LEU B 51 -1.09 -15.38 0.04
N LYS B 52 -0.66 -15.63 1.28
CA LYS B 52 -1.50 -15.58 2.46
C LYS B 52 -0.92 -14.55 3.43
N ARG B 53 -1.78 -13.86 4.16
CA ARG B 53 -1.33 -12.79 5.06
C ARG B 53 -0.81 -13.34 6.38
N ILE B 54 0.43 -13.85 6.34
CA ILE B 54 1.12 -14.43 7.48
C ILE B 54 2.52 -13.88 7.52
N ILE B 55 2.96 -13.47 8.70
CA ILE B 55 4.33 -13.05 8.91
C ILE B 55 4.90 -13.80 10.08
N VAL B 56 6.21 -14.00 10.03
CA VAL B 56 6.95 -14.53 11.17
C VAL B 56 8.07 -13.55 11.51
N LEU B 57 8.38 -13.42 12.79
CA LEU B 57 9.40 -12.49 13.27
C LEU B 57 10.23 -13.13 14.36
N ARG B 58 11.50 -12.74 14.42
CA ARG B 58 12.33 -12.98 15.61
C ARG B 58 13.05 -11.67 15.93
N CYS B 59 12.27 -10.69 16.38
CA CYS B 59 12.70 -9.30 16.61
C CYS B 59 12.87 -9.08 18.12
N PRO B 60 13.62 -8.04 18.54
CA PRO B 60 13.88 -7.90 19.98
C PRO B 60 12.67 -7.98 20.92
N THR B 61 11.53 -7.38 20.54
CA THR B 61 10.34 -7.40 21.42
C THR B 61 9.13 -8.15 20.83
N PHE B 62 9.38 -8.93 19.78
CA PHE B 62 8.38 -9.87 19.29
C PHE B 62 9.00 -11.04 18.53
N LYS B 63 8.75 -12.24 19.02
CA LYS B 63 9.17 -13.48 18.39
C LYS B 63 7.94 -14.38 18.23
N GLY B 64 7.69 -14.80 17.00
CA GLY B 64 6.51 -15.61 16.71
C GLY B 64 5.86 -15.14 15.43
N CYS B 65 4.61 -15.52 15.24
CA CYS B 65 3.90 -15.21 14.02
C CYS B 65 2.74 -14.26 14.26
N VAL B 66 2.29 -13.63 13.18
CA VAL B 66 1.03 -12.91 13.19
C VAL B 66 0.27 -13.33 11.94
N ILE B 67 -0.97 -13.76 12.14
CA ILE B 67 -1.87 -14.08 11.06
C ILE B 67 -2.79 -12.88 10.87
N ASN B 68 -2.94 -12.47 9.61
CA ASN B 68 -3.75 -11.31 9.26
C ASN B 68 -3.37 -10.03 9.99
N PRO B 69 -2.05 -9.70 9.98
CA PRO B 69 -1.61 -8.50 10.71
C PRO B 69 -2.14 -7.22 10.07
N ILE B 70 -2.41 -6.22 10.90
CA ILE B 70 -2.81 -4.89 10.42
C ILE B 70 -2.20 -3.85 11.35
N ILE B 71 -1.58 -2.82 10.80
CA ILE B 71 -1.13 -1.69 11.64
C ILE B 71 -2.36 -0.85 11.98
N THR B 72 -2.64 -0.71 13.27
CA THR B 72 -3.83 0.04 13.71
C THR B 72 -3.49 1.41 14.30
N ARG B 73 -2.24 1.60 14.70
CA ARG B 73 -1.79 2.86 15.25
C ARG B 73 -0.32 3.05 14.93
N HIS B 74 0.11 4.29 14.80
CA HIS B 74 1.52 4.58 14.57
C HIS B 74 1.83 6.00 14.98
N THR B 75 3.11 6.27 15.24
CA THR B 75 3.57 7.62 15.49
C THR B 75 3.48 8.48 14.23
N ASP B 76 3.46 9.80 14.42
CA ASP B 76 3.48 10.73 13.30
C ASP B 76 4.88 10.78 12.68
N GLY B 77 4.96 11.10 11.40
CA GLY B 77 6.24 11.26 10.72
C GLY B 77 7.01 9.96 10.62
N HIS B 78 8.31 10.08 10.35
CA HIS B 78 9.13 8.92 10.05
C HIS B 78 10.53 9.06 10.64
N VAL B 79 11.19 7.92 10.76
CA VAL B 79 12.59 7.82 11.18
C VAL B 79 13.35 6.94 10.20
N TYR B 80 14.68 7.02 10.28
CA TYR B 80 15.61 6.24 9.46
C TYR B 80 15.72 4.78 9.90
N SER B 81 15.54 3.87 8.94
CA SER B 81 15.69 2.44 9.17
C SER B 81 16.50 1.81 8.02
N PRO B 82 17.79 1.52 8.24
CA PRO B 82 18.58 0.82 7.22
C PRO B 82 18.18 -0.65 7.18
N GLU B 83 17.77 -1.12 5.99
CA GLU B 83 17.22 -2.46 5.85
C GLU B 83 17.75 -3.20 4.65
N GLY B 84 18.04 -4.48 4.84
CA GLY B 84 18.18 -5.41 3.74
C GLY B 84 16.97 -6.32 3.70
N CYS B 85 16.90 -7.18 2.69
CA CYS B 85 15.78 -8.09 2.52
C CYS B 85 16.32 -9.40 1.98
N LEU B 86 15.86 -10.51 2.54
CA LEU B 86 16.26 -11.83 2.05
C LEU B 86 15.91 -12.08 0.58
N SER B 87 14.93 -11.33 0.05
CA SER B 87 14.52 -11.47 -1.35
C SER B 87 15.39 -10.63 -2.28
N TYR B 88 16.27 -9.80 -1.72
CA TYR B 88 17.16 -8.92 -2.51
C TYR B 88 18.59 -8.98 -1.96
N PRO B 89 19.26 -10.14 -2.15
CA PRO B 89 20.64 -10.28 -1.66
C PRO B 89 21.52 -9.13 -2.13
N GLY B 90 22.34 -8.61 -1.23
CA GLY B 90 23.30 -7.55 -1.54
C GLY B 90 22.77 -6.13 -1.55
N LYS B 91 21.48 -5.95 -1.29
CA LYS B 91 20.87 -4.62 -1.33
C LYS B 91 20.58 -4.10 0.08
N THR B 92 20.87 -2.82 0.29
CA THR B 92 20.46 -2.13 1.53
C THR B 92 19.75 -0.85 1.14
N VAL B 93 18.67 -0.54 1.85
CA VAL B 93 17.91 0.68 1.57
C VAL B 93 17.69 1.45 2.85
N ALA B 94 17.95 2.75 2.81
CA ALA B 94 17.59 3.63 3.91
C ALA B 94 16.08 3.85 3.84
N LYS B 95 15.33 3.16 4.69
CA LYS B 95 13.87 3.26 4.65
C LYS B 95 13.37 4.33 5.62
N LYS B 96 12.25 4.93 5.26
CA LYS B 96 11.52 5.80 6.16
C LYS B 96 10.43 4.96 6.82
N ARG B 97 10.50 4.85 8.16
CA ARG B 97 9.58 3.99 8.92
C ARG B 97 8.92 4.77 10.04
N ARG B 98 7.76 4.32 10.46
CA ARG B 98 7.22 4.80 11.73
C ARG B 98 8.10 4.29 12.85
N ASN B 99 8.36 5.15 13.84
CA ASN B 99 9.16 4.73 14.96
C ASN B 99 8.45 3.79 15.90
N LYS B 100 7.13 3.93 16.01
CA LYS B 100 6.33 3.06 16.85
C LYS B 100 5.07 2.66 16.10
N VAL B 101 4.66 1.40 16.27
CA VAL B 101 3.40 0.93 15.71
C VAL B 101 2.67 0.04 16.68
N VAL B 102 1.37 -0.08 16.46
CA VAL B 102 0.59 -1.15 17.07
C VAL B 102 0.07 -2.02 15.94
N VAL B 103 0.29 -3.33 16.05
CA VAL B 103 -0.21 -4.30 15.07
C VAL B 103 -1.22 -5.22 15.75
N GLU B 104 -2.37 -5.43 15.11
CA GLU B 104 -3.36 -6.40 15.60
C GLU B 104 -3.43 -7.56 14.62
N GLY B 105 -3.75 -8.73 15.14
CA GLY B 105 -3.92 -9.90 14.31
C GLY B 105 -4.22 -11.09 15.19
N TYR B 106 -3.78 -12.26 14.74
CA TYR B 106 -4.01 -13.50 15.49
C TYR B 106 -2.72 -14.29 15.62
N ASP B 107 -2.62 -15.07 16.69
CA ASP B 107 -1.51 -16.03 16.80
C ASP B 107 -1.92 -17.35 16.12
N MET B 108 -1.05 -18.35 16.20
CA MET B 108 -1.30 -19.66 15.58
C MET B 108 -2.56 -20.37 16.05
N ASP B 109 -2.96 -20.11 17.29
CA ASP B 109 -4.17 -20.68 17.88
C ASP B 109 -5.42 -19.86 17.60
N TRP B 110 -5.28 -18.85 16.75
CA TRP B 110 -6.37 -17.93 16.45
C TRP B 110 -6.87 -17.14 17.66
N GLN B 111 -5.95 -16.92 18.59
CA GLN B 111 -6.19 -15.98 19.68
C GLN B 111 -5.87 -14.59 19.17
N PRO B 112 -6.79 -13.62 19.38
CA PRO B 112 -6.48 -12.23 19.06
C PRO B 112 -5.25 -11.72 19.81
N ILE B 113 -4.35 -11.05 19.09
CA ILE B 113 -3.17 -10.46 19.70
C ILE B 113 -3.00 -9.00 19.26
N THR B 114 -2.40 -8.21 20.13
CA THR B 114 -1.94 -6.89 19.73
C THR B 114 -0.54 -6.62 20.22
N ILE B 115 0.26 -6.10 19.32
CA ILE B 115 1.67 -5.94 19.53
C ILE B 115 2.01 -4.47 19.44
N ALA B 116 2.59 -3.94 20.51
CA ALA B 116 3.04 -2.55 20.53
C ALA B 116 4.55 -2.60 20.42
N ALA B 117 5.11 -1.99 19.37
CA ALA B 117 6.54 -2.13 19.08
C ALA B 117 7.18 -0.78 18.79
N LYS B 118 8.47 -0.65 19.09
CA LYS B 118 9.22 0.54 18.74
C LYS B 118 10.56 0.14 18.16
N GLY B 119 11.19 1.06 17.42
CA GLY B 119 12.52 0.81 16.90
C GLY B 119 12.57 -0.42 16.02
N LEU B 120 13.61 -1.23 16.16
CA LEU B 120 13.83 -2.37 15.27
C LEU B 120 12.60 -3.30 15.11
N THR B 121 11.93 -3.64 16.21
CA THR B 121 10.78 -4.52 16.10
C THR B 121 9.65 -3.86 15.31
N ALA B 122 9.45 -2.55 15.50
CA ALA B 122 8.48 -1.82 14.69
C ALA B 122 8.90 -1.84 13.22
N PHE B 123 10.20 -1.67 12.95
CA PHE B 123 10.67 -1.71 11.55
C PHE B 123 10.42 -3.07 10.92
N CYS B 124 10.70 -4.13 11.67
CA CYS B 124 10.45 -5.54 11.28
C CYS B 124 8.98 -5.69 10.85
N LEU B 125 8.08 -5.27 11.72
CA LEU B 125 6.67 -5.43 11.44
C LEU B 125 6.24 -4.71 10.15
N GLN B 126 6.74 -3.48 9.97
CA GLN B 126 6.42 -2.71 8.78
C GLN B 126 7.01 -3.35 7.52
N HIS B 127 8.23 -3.85 7.63
CA HIS B 127 8.89 -4.53 6.51
C HIS B 127 8.08 -5.75 6.05
N GLU B 128 7.65 -6.57 7.02
CA GLU B 128 6.93 -7.81 6.65
C GLU B 128 5.52 -7.51 6.16
N ILE B 129 4.84 -6.57 6.81
CA ILE B 129 3.52 -6.21 6.36
C ILE B 129 3.60 -5.60 4.95
N ASP B 130 4.61 -4.77 4.69
CA ASP B 130 4.80 -4.26 3.32
C ASP B 130 4.84 -5.41 2.33
N HIS B 131 5.61 -6.47 2.64
CA HIS B 131 5.67 -7.60 1.72
C HIS B 131 4.29 -8.13 1.38
N LEU B 132 3.42 -8.24 2.38
CA LEU B 132 2.08 -8.78 2.15
C LEU B 132 1.26 -7.89 1.22
N ASN B 133 1.66 -6.62 1.15
CA ASN B 133 0.99 -5.65 0.31
C ASN B 133 1.70 -5.45 -1.02
N GLY B 134 2.64 -6.34 -1.30
CA GLY B 134 3.35 -6.32 -2.58
C GLY B 134 4.40 -5.22 -2.68
N VAL B 135 4.87 -4.77 -1.51
CA VAL B 135 5.84 -3.67 -1.43
C VAL B 135 7.17 -4.20 -0.89
N THR B 136 8.24 -3.90 -1.63
CA THR B 136 9.57 -4.31 -1.25
C THR B 136 10.46 -3.07 -1.06
N ILE B 137 11.59 -3.26 -0.38
CA ILE B 137 12.48 -2.13 -0.09
C ILE B 137 13.14 -1.59 -1.36
#